data_3F9U
#
_entry.id   3F9U
#
_cell.length_a   64.160
_cell.length_b   64.160
_cell.length_c   181.555
_cell.angle_alpha   90.00
_cell.angle_beta   90.00
_cell.angle_gamma   90.00
#
_symmetry.space_group_name_H-M   'P 43 21 2'
#
loop_
_entity.id
_entity.type
_entity.pdbx_description
1 polymer 'Putative exported cytochrome C biogenesis-related protein'
2 non-polymer 'NITRATE ION'
3 non-polymer 1,2-ETHANEDIOL
4 water water
#
_entity_poly.entity_id   1
_entity_poly.type   'polypeptide(L)'
_entity_poly.pdbx_seq_one_letter_code
;SNAGAPLKAVSAFAPP(MSE)KTQDFNLYTNEVHAKFDDYDLG(MSE)EYARQHNKPV(MSE)LDFTGYGCVNCRK
(MSE)ELAVWTDPKVSSIINNDYVLITLYVDNKTPLTEPVKI(MSE)ENGTERTLRTVGDKWSYLQRVKFGANAQPFYVL
IDNEGNPLNKSYAYDEDISKYINFLQTGLENYRKEK
;
_entity_poly.pdbx_strand_id   A,B
#
loop_
_chem_comp.id
_chem_comp.type
_chem_comp.name
_chem_comp.formula
EDO non-polymer 1,2-ETHANEDIOL 'C2 H6 O2'
NO3 non-polymer 'NITRATE ION' 'N O3 -1'
#
# COMPACT_ATOMS: atom_id res chain seq x y z
N GLU A 28 11.93 -7.49 -23.69
CA GLU A 28 11.97 -8.89 -23.17
C GLU A 28 11.24 -8.99 -21.83
N VAL A 29 11.87 -8.51 -20.76
CA VAL A 29 11.19 -8.34 -19.47
C VAL A 29 10.18 -7.17 -19.57
N HIS A 30 8.90 -7.52 -19.49
CA HIS A 30 7.79 -6.56 -19.57
C HIS A 30 7.42 -6.09 -18.14
N ALA A 31 7.58 -4.80 -17.88
CA ALA A 31 7.28 -4.25 -16.54
C ALA A 31 5.77 -4.09 -16.30
N LYS A 32 5.24 -4.93 -15.42
CA LYS A 32 3.83 -4.99 -15.10
C LYS A 32 3.25 -3.75 -14.39
N PHE A 33 3.78 -3.38 -13.24
CA PHE A 33 3.18 -2.32 -12.45
C PHE A 33 4.24 -1.39 -11.93
N ASP A 34 3.90 -0.10 -11.86
N ASP A 34 3.92 -0.10 -11.82
CA ASP A 34 4.63 0.86 -11.03
CA ASP A 34 4.70 0.74 -10.92
C ASP A 34 3.99 0.98 -9.63
C ASP A 34 3.89 1.23 -9.72
N ASP A 35 2.71 0.64 -9.53
CA ASP A 35 1.93 0.83 -8.29
C ASP A 35 1.98 -0.41 -7.43
N TYR A 36 2.60 -0.26 -6.26
CA TYR A 36 2.69 -1.31 -5.27
C TYR A 36 1.34 -1.98 -4.90
N ASP A 37 0.37 -1.18 -4.49
CA ASP A 37 -0.90 -1.74 -4.02
C ASP A 37 -1.66 -2.55 -5.12
N LEU A 38 -1.72 -1.99 -6.34
CA LEU A 38 -2.40 -2.66 -7.44
C LEU A 38 -1.59 -3.87 -7.89
N GLY A 39 -0.27 -3.75 -7.96
CA GLY A 39 0.59 -4.93 -8.25
C GLY A 39 0.42 -6.09 -7.25
N MSE A 40 0.41 -5.74 -5.97
CA MSE A 40 0.20 -6.72 -4.91
C MSE A 40 -1.16 -7.40 -5.01
O MSE A 40 -1.25 -8.60 -4.81
CB MSE A 40 0.40 -6.09 -3.53
CG MSE A 40 1.84 -5.73 -3.24
SE MSE A 40 2.94 -7.29 -2.96
CE MSE A 40 2.51 -7.75 -1.07
N GLU A 41 -2.20 -6.63 -5.31
CA GLU A 41 -3.56 -7.20 -5.47
C GLU A 41 -3.67 -8.10 -6.72
N TYR A 42 -3.04 -7.68 -7.82
CA TYR A 42 -3.01 -8.53 -8.99
C TYR A 42 -2.28 -9.87 -8.69
N ALA A 43 -1.15 -9.78 -7.99
CA ALA A 43 -0.35 -10.98 -7.66
C ALA A 43 -1.13 -11.95 -6.75
N ARG A 44 -1.86 -11.39 -5.77
CA ARG A 44 -2.74 -12.17 -4.91
C ARG A 44 -3.86 -12.83 -5.73
N GLN A 45 -4.49 -12.07 -6.61
CA GLN A 45 -5.51 -12.65 -7.49
C GLN A 45 -4.98 -13.76 -8.40
N HIS A 46 -3.69 -13.71 -8.76
CA HIS A 46 -3.16 -14.65 -9.72
C HIS A 46 -2.23 -15.66 -9.10
N ASN A 47 -2.17 -15.68 -7.77
CA ASN A 47 -1.34 -16.62 -7.03
C ASN A 47 0.13 -16.61 -7.49
N LYS A 48 0.70 -15.43 -7.63
CA LYS A 48 2.12 -15.30 -7.93
C LYS A 48 2.88 -14.56 -6.85
N PRO A 49 4.18 -14.86 -6.72
CA PRO A 49 5.05 -14.03 -5.90
C PRO A 49 5.36 -12.70 -6.61
N VAL A 50 5.88 -11.75 -5.87
CA VAL A 50 6.15 -10.40 -6.37
C VAL A 50 7.65 -10.14 -6.32
N MSE A 51 8.14 -9.47 -7.36
CA MSE A 51 9.48 -8.94 -7.31
C MSE A 51 9.38 -7.41 -7.22
O MSE A 51 8.83 -6.77 -8.12
CB MSE A 51 10.33 -9.33 -8.54
CG MSE A 51 11.72 -8.66 -8.46
SE MSE A 51 13.10 -9.44 -9.58
CE MSE A 51 12.64 -8.42 -11.09
N LEU A 52 9.91 -6.84 -6.16
CA LEU A 52 10.05 -5.39 -6.10
C LEU A 52 11.37 -5.02 -6.71
N ASP A 53 11.35 -4.06 -7.62
CA ASP A 53 12.55 -3.58 -8.29
C ASP A 53 12.71 -2.09 -7.96
N PHE A 54 13.56 -1.79 -6.99
CA PHE A 54 13.90 -0.38 -6.67
C PHE A 54 14.90 0.11 -7.68
N THR A 55 14.47 1.12 -8.42
CA THR A 55 15.17 1.52 -9.60
C THR A 55 15.06 3.04 -9.79
N GLY A 56 15.45 3.53 -10.95
CA GLY A 56 15.40 4.96 -11.22
C GLY A 56 15.46 5.19 -12.72
N TYR A 57 14.82 6.25 -13.19
CA TYR A 57 14.86 6.60 -14.61
C TYR A 57 16.27 6.91 -15.02
N GLY A 58 17.00 7.56 -14.13
CA GLY A 58 18.37 7.99 -14.42
C GLY A 58 19.40 7.15 -13.74
N CYS A 59 19.07 5.88 -13.53
CA CYS A 59 19.98 4.98 -12.84
C CYS A 59 20.80 4.09 -13.80
N VAL A 60 22.07 4.49 -13.99
CA VAL A 60 22.98 3.80 -14.90
C VAL A 60 23.22 2.31 -14.53
N ASN A 61 23.45 2.02 -13.25
CA ASN A 61 23.65 0.64 -12.82
C ASN A 61 22.39 -0.23 -12.92
N CYS A 62 21.21 0.39 -12.86
CA CYS A 62 19.96 -0.31 -13.13
C CYS A 62 19.92 -0.72 -14.59
N ARG A 63 20.28 0.20 -15.48
CA ARG A 63 20.30 -0.08 -16.94
C ARG A 63 21.36 -1.14 -17.26
N LYS A 64 22.50 -1.10 -16.58
CA LYS A 64 23.57 -2.07 -16.83
C LYS A 64 23.16 -3.50 -16.43
N MSE A 65 22.52 -3.59 -15.28
CA MSE A 65 21.97 -4.80 -14.73
C MSE A 65 20.89 -5.38 -15.66
O MSE A 65 20.90 -6.59 -15.97
CB MSE A 65 21.39 -4.45 -13.38
CG MSE A 65 21.20 -5.55 -12.43
SE MSE A 65 22.66 -6.79 -12.16
CE MSE A 65 21.43 -8.06 -11.37
N GLU A 66 19.96 -4.54 -16.11
CA GLU A 66 18.95 -4.92 -17.09
C GLU A 66 19.59 -5.45 -18.40
N LEU A 67 20.61 -4.76 -18.89
CA LEU A 67 21.28 -5.17 -20.11
C LEU A 67 22.13 -6.43 -19.95
N ALA A 68 22.77 -6.58 -18.79
CA ALA A 68 23.67 -7.74 -18.57
C ALA A 68 22.92 -9.02 -18.19
N VAL A 69 21.80 -8.89 -17.48
CA VAL A 69 21.12 -10.03 -16.85
C VAL A 69 19.66 -10.25 -17.34
N TRP A 70 18.86 -9.19 -17.42
CA TRP A 70 17.45 -9.33 -17.86
C TRP A 70 17.32 -9.79 -19.30
N THR A 71 18.35 -9.54 -20.11
CA THR A 71 18.34 -9.96 -21.50
C THR A 71 18.50 -11.47 -21.65
N ASP A 72 18.90 -12.16 -20.59
CA ASP A 72 19.01 -13.63 -20.64
C ASP A 72 17.61 -14.26 -20.80
N PRO A 73 17.45 -15.20 -21.74
CA PRO A 73 16.12 -15.77 -22.01
C PRO A 73 15.48 -16.41 -20.78
N LYS A 74 16.27 -17.14 -20.01
CA LYS A 74 15.76 -17.81 -18.83
C LYS A 74 15.38 -16.82 -17.74
N VAL A 75 16.22 -15.79 -17.51
CA VAL A 75 15.87 -14.74 -16.56
C VAL A 75 14.54 -14.04 -16.92
N SER A 76 14.41 -13.63 -18.19
CA SER A 76 13.24 -12.85 -18.59
C SER A 76 11.98 -13.71 -18.56
N SER A 77 12.14 -14.96 -18.97
CA SER A 77 11.06 -15.92 -18.89
C SER A 77 10.55 -16.08 -17.44
N ILE A 78 11.47 -16.18 -16.47
CA ILE A 78 11.06 -16.39 -15.08
C ILE A 78 10.37 -15.13 -14.54
N ILE A 79 10.94 -13.96 -14.84
CA ILE A 79 10.36 -12.69 -14.39
C ILE A 79 8.99 -12.50 -15.03
N ASN A 80 8.90 -12.70 -16.36
CA ASN A 80 7.65 -12.46 -17.11
C ASN A 80 6.54 -13.45 -16.79
N ASN A 81 6.87 -14.72 -16.61
CA ASN A 81 5.87 -15.77 -16.37
C ASN A 81 5.58 -16.09 -14.92
N ASP A 82 6.58 -16.00 -14.05
CA ASP A 82 6.39 -16.55 -12.70
C ASP A 82 6.20 -15.49 -11.63
N TYR A 83 6.65 -14.26 -11.88
CA TYR A 83 6.60 -13.17 -10.89
C TYR A 83 5.66 -12.08 -11.38
N VAL A 84 5.22 -11.26 -10.44
CA VAL A 84 4.65 -9.99 -10.80
C VAL A 84 5.72 -8.98 -10.44
N LEU A 85 6.28 -8.34 -11.48
CA LEU A 85 7.26 -7.27 -11.35
C LEU A 85 6.61 -5.93 -10.98
N ILE A 86 7.12 -5.29 -9.92
CA ILE A 86 6.71 -3.97 -9.56
C ILE A 86 7.96 -3.07 -9.56
N THR A 87 7.97 -2.11 -10.47
CA THR A 87 9.12 -1.25 -10.62
C THR A 87 8.84 -0.01 -9.79
N LEU A 88 9.68 0.22 -8.77
CA LEU A 88 9.52 1.38 -7.91
C LEU A 88 10.64 2.41 -8.18
N TYR A 89 10.29 3.46 -8.92
CA TYR A 89 11.24 4.49 -9.33
C TYR A 89 11.42 5.52 -8.24
N VAL A 90 12.61 5.53 -7.65
CA VAL A 90 12.92 6.41 -6.54
C VAL A 90 13.13 7.87 -6.94
N ASP A 91 13.27 8.12 -8.24
CA ASP A 91 13.41 9.50 -8.72
C ASP A 91 12.15 9.94 -9.45
N ASN A 92 11.05 9.20 -9.26
CA ASN A 92 9.76 9.59 -9.79
C ASN A 92 9.30 10.92 -9.20
N LYS A 93 9.00 11.87 -10.09
CA LYS A 93 8.63 13.22 -9.71
C LYS A 93 7.13 13.41 -9.52
N THR A 94 6.30 12.43 -9.90
CA THR A 94 4.85 12.51 -9.68
C THR A 94 4.56 12.90 -8.22
N PRO A 95 3.87 14.01 -8.01
CA PRO A 95 3.54 14.48 -6.65
C PRO A 95 2.60 13.53 -5.91
N LEU A 96 2.81 13.41 -4.59
CA LEU A 96 1.90 12.69 -3.68
C LEU A 96 0.62 13.51 -3.65
N THR A 97 -0.50 12.95 -3.19
CA THR A 97 -1.74 13.74 -3.08
C THR A 97 -1.53 14.90 -2.10
N GLU A 98 -0.77 14.66 -1.04
CA GLU A 98 -0.38 15.70 -0.11
C GLU A 98 0.95 15.31 0.49
N PRO A 99 1.79 16.29 0.82
CA PRO A 99 3.10 15.95 1.39
C PRO A 99 2.95 15.17 2.69
N VAL A 100 3.99 14.44 3.06
CA VAL A 100 4.00 13.64 4.28
C VAL A 100 5.25 13.93 5.08
N LYS A 101 5.09 14.32 6.34
CA LYS A 101 6.24 14.53 7.19
C LYS A 101 6.64 13.22 7.85
N ILE A 102 7.93 12.93 7.87
CA ILE A 102 8.40 11.70 8.48
C ILE A 102 9.53 11.99 9.45
N MSE A 103 9.62 11.16 10.48
CA MSE A 103 10.73 11.18 11.42
C MSE A 103 11.61 9.99 11.10
O MSE A 103 11.10 8.87 10.99
CB MSE A 103 10.20 11.06 12.86
CG MSE A 103 11.16 11.59 13.90
SE MSE A 103 11.37 13.53 13.72
CE MSE A 103 9.54 14.11 14.14
N GLU A 104 12.91 10.23 10.92
CA GLU A 104 13.83 9.13 10.60
C GLU A 104 15.25 9.31 11.14
N ASN A 105 15.57 8.51 12.15
CA ASN A 105 16.94 8.23 12.55
C ASN A 105 17.86 9.42 12.89
N GLY A 106 17.37 10.46 13.60
CA GLY A 106 15.97 10.66 13.97
C GLY A 106 15.60 12.08 13.62
N THR A 107 15.54 12.38 12.31
CA THR A 107 15.30 13.74 11.82
C THR A 107 14.06 13.85 10.91
N GLU A 108 13.43 15.02 10.96
CA GLU A 108 12.22 15.30 10.20
C GLU A 108 12.52 15.59 8.74
N ARG A 109 11.71 15.01 7.86
CA ARG A 109 11.83 15.21 6.41
C ARG A 109 10.43 15.22 5.85
N THR A 110 10.25 15.92 4.74
CA THR A 110 8.95 16.03 4.08
C THR A 110 8.99 15.32 2.73
N LEU A 111 8.13 14.32 2.57
CA LEU A 111 8.07 13.55 1.33
C LEU A 111 7.01 14.19 0.45
N ARG A 112 7.33 14.41 -0.83
CA ARG A 112 6.41 15.17 -1.71
C ARG A 112 6.06 14.46 -3.00
N THR A 113 6.92 13.54 -3.43
CA THR A 113 6.71 12.82 -4.68
C THR A 113 6.65 11.30 -4.44
N VAL A 114 6.04 10.58 -5.37
CA VAL A 114 6.08 9.11 -5.34
C VAL A 114 7.52 8.58 -5.08
N GLY A 115 8.51 9.23 -5.69
CA GLY A 115 9.91 8.82 -5.54
C GLY A 115 10.47 8.99 -4.14
N ASP A 116 10.07 10.06 -3.44
CA ASP A 116 10.45 10.29 -2.05
C ASP A 116 9.83 9.18 -1.17
N LYS A 117 8.54 8.90 -1.40
CA LYS A 117 7.87 7.77 -0.78
C LYS A 117 8.66 6.46 -0.88
N TRP A 118 9.05 6.06 -2.10
CA TRP A 118 9.73 4.76 -2.30
C TRP A 118 11.19 4.75 -1.83
N SER A 119 11.89 5.88 -1.96
CA SER A 119 13.20 6.04 -1.32
C SER A 119 13.12 5.79 0.18
N TYR A 120 12.11 6.40 0.81
CA TYR A 120 11.96 6.30 2.24
C TYR A 120 11.59 4.87 2.62
N LEU A 121 10.60 4.29 1.93
CA LEU A 121 10.14 2.94 2.26
C LEU A 121 11.23 1.88 1.99
N GLN A 122 12.06 2.12 0.96
CA GLN A 122 13.20 1.22 0.74
C GLN A 122 14.08 1.17 1.96
N ARG A 123 14.31 2.30 2.61
CA ARG A 123 15.19 2.40 3.77
C ARG A 123 14.60 1.79 5.02
N VAL A 124 13.39 2.21 5.39
CA VAL A 124 12.77 1.76 6.65
C VAL A 124 12.29 0.31 6.59
N LYS A 125 11.85 -0.17 5.43
CA LYS A 125 11.41 -1.55 5.30
C LYS A 125 12.53 -2.55 4.98
N PHE A 126 13.48 -2.17 4.11
CA PHE A 126 14.49 -3.11 3.62
C PHE A 126 15.93 -2.75 3.96
N GLY A 127 16.13 -1.67 4.68
CA GLY A 127 17.45 -1.29 5.17
C GLY A 127 18.42 -1.01 4.04
N ALA A 128 17.90 -0.53 2.91
CA ALA A 128 18.74 -0.26 1.75
C ALA A 128 18.41 1.11 1.20
N ASN A 129 19.43 1.78 0.67
CA ASN A 129 19.27 3.10 0.07
C ASN A 129 19.86 3.20 -1.36
N ALA A 130 20.30 2.09 -1.94
CA ALA A 130 20.82 2.13 -3.32
C ALA A 130 19.94 1.40 -4.33
N GLN A 131 20.13 1.72 -5.61
CA GLN A 131 19.48 1.04 -6.73
C GLN A 131 20.56 0.54 -7.71
N PRO A 132 20.31 -0.57 -8.44
CA PRO A 132 19.12 -1.41 -8.38
C PRO A 132 19.07 -2.22 -7.08
N PHE A 133 17.89 -2.52 -6.56
CA PHE A 133 17.76 -3.37 -5.38
C PHE A 133 16.50 -4.21 -5.58
N TYR A 134 16.63 -5.54 -5.52
CA TYR A 134 15.51 -6.45 -5.82
C TYR A 134 15.10 -7.21 -4.59
N VAL A 135 13.79 -7.27 -4.33
CA VAL A 135 13.27 -8.03 -3.19
C VAL A 135 12.18 -8.93 -3.72
N LEU A 136 12.19 -10.20 -3.32
CA LEU A 136 11.15 -11.16 -3.73
C LEU A 136 10.23 -11.33 -2.53
N ILE A 137 8.93 -11.12 -2.71
CA ILE A 137 8.03 -11.22 -1.57
C ILE A 137 6.79 -12.02 -1.89
N ASP A 138 6.19 -12.62 -0.86
CA ASP A 138 4.92 -13.32 -1.02
C ASP A 138 3.76 -12.33 -0.98
N ASN A 139 2.54 -12.84 -0.99
CA ASN A 139 1.37 -12.00 -1.07
C ASN A 139 1.01 -11.31 0.26
N GLU A 140 1.70 -11.68 1.33
CA GLU A 140 1.55 -10.98 2.60
C GLU A 140 2.71 -10.03 2.83
N GLY A 141 3.65 -10.00 1.89
CA GLY A 141 4.80 -9.10 2.00
C GLY A 141 6.02 -9.67 2.70
N ASN A 142 5.95 -10.94 3.12
CA ASN A 142 7.13 -11.65 3.62
C ASN A 142 8.18 -11.92 2.51
N PRO A 143 9.46 -11.58 2.77
CA PRO A 143 10.52 -11.85 1.80
C PRO A 143 10.77 -13.34 1.60
N LEU A 144 11.00 -13.74 0.37
CA LEU A 144 11.14 -15.14 0.00
C LEU A 144 12.61 -15.57 -0.17
N ASN A 145 13.52 -14.63 0.09
CA ASN A 145 14.95 -14.81 -0.16
C ASN A 145 15.71 -13.62 0.39
N LYS A 146 17.04 -13.71 0.48
CA LYS A 146 17.85 -12.51 0.73
C LYS A 146 17.63 -11.61 -0.50
N SER A 147 17.68 -10.30 -0.31
CA SER A 147 17.51 -9.39 -1.43
C SER A 147 18.79 -9.40 -2.27
N TYR A 148 18.72 -8.80 -3.45
CA TYR A 148 19.78 -8.84 -4.43
C TYR A 148 20.08 -7.40 -4.89
N ALA A 149 21.36 -7.05 -4.97
CA ALA A 149 21.73 -5.69 -5.35
C ALA A 149 22.42 -5.72 -6.72
N TYR A 150 23.51 -5.02 -6.90
CA TYR A 150 24.11 -4.94 -8.21
C TYR A 150 25.16 -6.02 -8.37
N ASP A 151 24.90 -6.99 -9.23
CA ASP A 151 25.87 -8.07 -9.48
C ASP A 151 25.49 -8.71 -10.81
N GLU A 152 26.37 -8.58 -11.79
CA GLU A 152 26.04 -8.98 -13.16
C GLU A 152 26.20 -10.49 -13.48
N ASP A 153 26.09 -11.34 -12.48
CA ASP A 153 26.23 -12.78 -12.64
C ASP A 153 24.89 -13.41 -12.97
N ILE A 154 24.70 -13.85 -14.21
CA ILE A 154 23.41 -14.41 -14.64
C ILE A 154 22.98 -15.62 -13.77
N SER A 155 23.91 -16.55 -13.55
CA SER A 155 23.63 -17.76 -12.76
C SER A 155 23.18 -17.48 -11.34
N LYS A 156 23.86 -16.57 -10.67
CA LYS A 156 23.50 -16.15 -9.33
C LYS A 156 22.08 -15.52 -9.33
N TYR A 157 21.79 -14.71 -10.35
CA TYR A 157 20.50 -14.08 -10.45
C TYR A 157 19.38 -15.10 -10.74
N ILE A 158 19.61 -16.04 -11.66
CA ILE A 158 18.70 -17.19 -11.81
C ILE A 158 18.48 -17.92 -10.47
N ASN A 159 19.54 -18.19 -9.71
CA ASN A 159 19.41 -18.90 -8.42
CA ASN A 159 19.41 -18.89 -8.42
C ASN A 159 18.57 -18.13 -7.39
N PHE A 160 18.80 -16.83 -7.32
CA PHE A 160 17.98 -15.90 -6.55
C PHE A 160 16.49 -16.05 -6.90
N LEU A 161 16.18 -16.01 -8.21
CA LEU A 161 14.79 -16.06 -8.65
C LEU A 161 14.13 -17.43 -8.36
N GLN A 162 14.85 -18.52 -8.67
CA GLN A 162 14.34 -19.88 -8.53
C GLN A 162 14.15 -20.22 -7.07
N THR A 163 15.08 -19.79 -6.22
CA THR A 163 14.95 -19.99 -4.78
C THR A 163 13.73 -19.30 -4.24
N GLY A 164 13.54 -18.03 -4.61
CA GLY A 164 12.36 -17.27 -4.21
C GLY A 164 11.10 -18.01 -4.64
N LEU A 165 11.12 -18.54 -5.86
CA LEU A 165 9.96 -19.21 -6.46
C LEU A 165 9.68 -20.53 -5.77
N GLU A 166 10.74 -21.28 -5.47
CA GLU A 166 10.66 -22.52 -4.69
CA GLU A 166 10.67 -22.51 -4.69
C GLU A 166 10.12 -22.23 -3.30
N ASN A 167 10.58 -21.13 -2.68
CA ASN A 167 10.08 -20.79 -1.35
C ASN A 167 8.61 -20.42 -1.35
N TYR A 168 8.18 -19.71 -2.40
CA TYR A 168 6.78 -19.35 -2.55
C TYR A 168 5.88 -20.59 -2.64
N ARG A 169 6.24 -21.51 -3.54
CA ARG A 169 5.46 -22.69 -3.85
C ARG A 169 5.38 -23.66 -2.66
N LYS A 170 6.25 -23.48 -1.66
CA LYS A 170 6.22 -24.26 -0.42
C LYS A 170 5.17 -23.81 0.59
N GLU A 171 4.76 -22.55 0.56
CA GLU A 171 3.73 -22.04 1.51
C GLU A 171 2.35 -22.59 1.20
N LYS A 172 2.31 -23.58 0.31
CA LYS A 172 1.21 -23.76 -0.61
C LYS A 172 0.78 -25.22 -0.69
N TYR B 25 -7.32 24.41 22.99
CA TYR B 25 -8.08 23.13 23.11
C TYR B 25 -9.23 23.13 22.11
N THR B 26 -9.09 22.33 21.06
CA THR B 26 -10.18 22.16 20.08
C THR B 26 -10.21 20.74 19.49
N ASN B 27 -11.06 19.89 20.09
CA ASN B 27 -11.14 18.47 19.76
C ASN B 27 -11.90 18.16 18.46
N GLU B 28 -11.13 17.93 17.39
CA GLU B 28 -11.66 17.55 16.09
C GLU B 28 -10.72 16.57 15.42
N VAL B 29 -11.29 15.57 14.77
CA VAL B 29 -10.52 14.56 14.05
C VAL B 29 -9.56 15.24 13.06
N HIS B 30 -8.28 14.85 13.14
CA HIS B 30 -7.27 15.29 12.18
C HIS B 30 -6.88 14.12 11.26
N ALA B 31 -7.20 14.22 9.98
CA ALA B 31 -6.83 13.18 8.99
C ALA B 31 -5.31 13.03 8.84
N LYS B 32 -4.78 11.93 9.33
CA LYS B 32 -3.35 11.68 9.32
C LYS B 32 -2.79 11.55 7.89
N PHE B 33 -3.21 10.51 7.19
CA PHE B 33 -2.66 10.16 5.89
C PHE B 33 -3.75 10.02 4.82
N ASP B 34 -3.40 10.34 3.59
CA ASP B 34 -4.16 9.96 2.41
CA ASP B 34 -4.19 9.92 2.45
C ASP B 34 -3.49 8.77 1.74
N ASP B 35 -2.21 8.57 2.05
CA ASP B 35 -1.41 7.51 1.42
C ASP B 35 -1.45 6.23 2.28
N TYR B 36 -1.97 5.18 1.68
CA TYR B 36 -2.13 3.91 2.35
C TYR B 36 -0.78 3.28 2.81
N ASP B 37 0.20 3.23 1.92
CA ASP B 37 1.46 2.57 2.26
C ASP B 37 2.18 3.29 3.39
N LEU B 38 2.18 4.63 3.34
CA LEU B 38 2.88 5.38 4.38
C LEU B 38 2.12 5.37 5.68
N GLY B 39 0.79 5.43 5.60
CA GLY B 39 -0.05 5.34 6.81
C GLY B 39 0.11 3.99 7.53
N MSE B 40 0.17 2.91 6.74
CA MSE B 40 0.32 1.54 7.29
C MSE B 40 1.67 1.39 7.96
O MSE B 40 1.76 0.73 8.98
CB MSE B 40 0.18 0.47 6.20
CG MSE B 40 -1.24 0.30 5.73
SE MSE B 40 -2.51 -0.40 7.08
CE MSE B 40 -2.07 -2.28 7.02
N GLU B 41 2.71 1.98 7.35
CA GLU B 41 4.06 1.89 7.90
C GLU B 41 4.18 2.71 9.21
N TYR B 42 3.67 3.92 9.22
CA TYR B 42 3.58 4.70 10.48
C TYR B 42 2.85 3.93 11.61
N ALA B 43 1.68 3.38 11.30
CA ALA B 43 0.90 2.60 12.27
C ALA B 43 1.69 1.41 12.83
N ARG B 44 2.33 0.69 11.91
CA ARG B 44 3.19 -0.41 12.28
C ARG B 44 4.30 0.04 13.24
N GLN B 45 5.00 1.12 12.94
CA GLN B 45 6.06 1.62 13.84
C GLN B 45 5.52 2.10 15.17
N HIS B 46 4.28 2.55 15.19
CA HIS B 46 3.71 3.12 16.40
C HIS B 46 2.75 2.19 17.12
N ASN B 47 2.68 0.93 16.69
CA ASN B 47 1.81 -0.12 17.28
C ASN B 47 0.37 0.33 17.45
N LYS B 48 -0.16 0.93 16.39
CA LYS B 48 -1.54 1.33 16.30
C LYS B 48 -2.28 0.60 15.19
N PRO B 49 -3.56 0.34 15.41
CA PRO B 49 -4.51 -0.11 14.44
C PRO B 49 -4.82 1.05 13.49
N VAL B 50 -5.40 0.72 12.34
CA VAL B 50 -5.65 1.67 11.28
C VAL B 50 -7.16 1.73 11.03
N MSE B 51 -7.67 2.94 10.75
CA MSE B 51 -8.99 3.08 10.23
C MSE B 51 -8.90 3.55 8.79
O MSE B 51 -8.32 4.61 8.51
CB MSE B 51 -9.82 4.07 11.05
CG MSE B 51 -11.18 4.35 10.34
SE MSE B 51 -12.51 5.24 11.47
CE MSE B 51 -13.45 3.73 11.91
N LEU B 52 -9.46 2.77 7.87
CA LEU B 52 -9.63 3.17 6.48
C LEU B 52 -10.95 3.88 6.34
N ASP B 53 -10.90 5.09 5.82
CA ASP B 53 -12.10 5.88 5.58
C ASP B 53 -12.22 6.08 4.08
N PHE B 54 -13.03 5.25 3.42
CA PHE B 54 -13.33 5.45 2.00
C PHE B 54 -14.33 6.58 1.89
N THR B 55 -13.92 7.67 1.26
CA THR B 55 -14.67 8.90 1.29
C THR B 55 -14.57 9.62 -0.08
N GLY B 56 -15.13 10.82 -0.14
CA GLY B 56 -15.15 11.57 -1.39
C GLY B 56 -15.20 13.04 -1.01
N TYR B 57 -14.58 13.89 -1.82
CA TYR B 57 -14.64 15.33 -1.63
C TYR B 57 -16.06 15.89 -1.68
N GLY B 58 -16.90 15.29 -2.52
CA GLY B 58 -18.30 15.71 -2.67
C GLY B 58 -19.33 14.76 -2.07
N CYS B 59 -18.85 13.82 -1.28
CA CYS B 59 -19.71 12.85 -0.62
C CYS B 59 -20.59 13.43 0.50
N VAL B 60 -21.88 13.57 0.20
CA VAL B 60 -22.85 14.11 1.16
C VAL B 60 -22.88 13.38 2.50
N ASN B 61 -22.98 12.05 2.47
CA ASN B 61 -23.10 11.31 3.72
C ASN B 61 -21.80 11.26 4.54
N CYS B 62 -20.66 11.27 3.85
CA CYS B 62 -19.38 11.40 4.54
C CYS B 62 -19.36 12.67 5.38
N ARG B 63 -19.77 13.77 4.76
CA ARG B 63 -19.79 15.05 5.43
C ARG B 63 -20.81 15.07 6.57
N LYS B 64 -21.99 14.50 6.35
CA LYS B 64 -22.96 14.31 7.44
C LYS B 64 -22.40 13.54 8.64
N MSE B 65 -21.68 12.43 8.37
CA MSE B 65 -20.95 11.65 9.40
C MSE B 65 -19.94 12.49 10.16
O MSE B 65 -19.91 12.45 11.39
CB MSE B 65 -20.25 10.42 8.80
CG MSE B 65 -21.19 9.26 8.46
SE MSE B 65 -22.20 8.62 10.01
CE MSE B 65 -20.89 7.54 10.84
N GLU B 66 -19.14 13.23 9.41
CA GLU B 66 -18.12 14.13 9.95
CA GLU B 66 -18.11 14.11 9.99
C GLU B 66 -18.71 15.14 10.92
N LEU B 67 -19.84 15.75 10.53
CA LEU B 67 -20.48 16.76 11.39
C LEU B 67 -21.32 16.20 12.55
N ALA B 68 -21.97 15.05 12.37
CA ALA B 68 -22.89 14.54 13.40
C ALA B 68 -22.19 13.61 14.40
N VAL B 69 -21.14 12.95 13.97
CA VAL B 69 -20.54 11.89 14.75
C VAL B 69 -19.08 12.19 15.11
N TRP B 70 -18.27 12.59 14.12
CA TRP B 70 -16.84 12.85 14.34
C TRP B 70 -16.57 14.02 15.30
N THR B 71 -17.51 14.95 15.36
CA THR B 71 -17.41 16.09 16.25
C THR B 71 -17.72 15.72 17.71
N ASP B 72 -18.18 14.52 17.96
CA ASP B 72 -18.34 14.08 19.34
C ASP B 72 -16.95 13.92 19.99
N PRO B 73 -16.75 14.47 21.21
CA PRO B 73 -15.44 14.47 21.85
C PRO B 73 -14.86 13.08 22.04
N LYS B 74 -15.71 12.11 22.41
CA LYS B 74 -15.19 10.77 22.64
C LYS B 74 -14.75 10.09 21.34
N VAL B 75 -15.54 10.27 20.28
CA VAL B 75 -15.23 9.67 18.99
C VAL B 75 -13.94 10.28 18.46
N SER B 76 -13.83 11.59 18.57
CA SER B 76 -12.69 12.33 18.06
CA SER B 76 -12.68 12.30 18.03
C SER B 76 -11.40 11.91 18.76
N SER B 77 -11.45 11.78 20.09
CA SER B 77 -10.28 11.32 20.86
C SER B 77 -9.80 9.93 20.44
N ILE B 78 -10.75 9.01 20.29
CA ILE B 78 -10.36 7.66 19.95
C ILE B 78 -9.65 7.63 18.59
N ILE B 79 -10.22 8.35 17.62
CA ILE B 79 -9.69 8.33 16.27
C ILE B 79 -8.32 9.02 16.23
N ASN B 80 -8.22 10.18 16.89
CA ASN B 80 -6.98 10.94 16.96
C ASN B 80 -5.90 10.25 17.74
N ASN B 81 -6.26 9.62 18.86
CA ASN B 81 -5.23 9.09 19.75
C ASN B 81 -4.88 7.62 19.56
N ASP B 82 -5.88 6.83 19.18
CA ASP B 82 -5.73 5.37 19.26
C ASP B 82 -5.60 4.72 17.89
N TYR B 83 -5.98 5.43 16.84
CA TYR B 83 -6.00 4.88 15.50
C TYR B 83 -5.09 5.73 14.62
N VAL B 84 -4.65 5.13 13.54
CA VAL B 84 -4.08 5.92 12.46
C VAL B 84 -5.13 5.97 11.36
N LEU B 85 -5.64 7.18 11.13
CA LEU B 85 -6.67 7.39 10.14
C LEU B 85 -6.06 7.54 8.74
N ILE B 86 -6.56 6.75 7.79
CA ILE B 86 -6.15 6.89 6.39
C ILE B 86 -7.39 7.20 5.58
N THR B 87 -7.48 8.42 5.06
CA THR B 87 -8.62 8.85 4.26
C THR B 87 -8.37 8.52 2.79
N LEU B 88 -9.21 7.65 2.25
CA LEU B 88 -9.08 7.21 0.86
C LEU B 88 -10.19 7.85 0.00
N TYR B 89 -9.82 8.92 -0.69
CA TYR B 89 -10.73 9.66 -1.55
C TYR B 89 -10.96 8.96 -2.89
N VAL B 90 -12.15 8.40 -3.07
CA VAL B 90 -12.44 7.66 -4.27
C VAL B 90 -12.65 8.57 -5.50
N ASP B 91 -12.72 9.89 -5.25
CA ASP B 91 -12.88 10.89 -6.33
C ASP B 91 -11.63 11.76 -6.50
N ASN B 92 -10.51 11.28 -6.00
CA ASN B 92 -9.24 12.00 -6.13
C ASN B 92 -8.76 11.96 -7.59
N LYS B 93 -8.47 13.14 -8.15
CA LYS B 93 -8.13 13.25 -9.59
C LYS B 93 -6.66 13.11 -9.92
N THR B 94 -5.80 13.13 -8.89
CA THR B 94 -4.37 12.94 -9.05
C THR B 94 -4.11 11.76 -10.00
N PRO B 95 -3.37 12.02 -11.09
CA PRO B 95 -2.98 10.98 -12.04
C PRO B 95 -2.14 9.90 -11.36
N LEU B 96 -2.39 8.65 -11.75
CA LEU B 96 -1.48 7.57 -11.43
C LEU B 96 -0.21 7.82 -12.23
N THR B 97 0.95 7.32 -11.79
CA THR B 97 2.19 7.51 -12.55
C THR B 97 2.02 7.04 -13.97
N GLU B 98 1.37 5.90 -14.13
CA GLU B 98 0.99 5.42 -15.45
C GLU B 98 -0.39 4.78 -15.29
N PRO B 99 -1.16 4.67 -16.38
CA PRO B 99 -2.48 4.06 -16.22
C PRO B 99 -2.36 2.55 -15.98
N VAL B 100 -3.41 1.97 -15.41
CA VAL B 100 -3.42 0.55 -15.11
C VAL B 100 -4.69 -0.05 -15.69
N LYS B 101 -4.53 -1.00 -16.59
CA LYS B 101 -5.67 -1.69 -17.15
C LYS B 101 -6.01 -2.87 -16.27
N ILE B 102 -7.25 -2.91 -15.80
CA ILE B 102 -7.70 -4.03 -15.00
C ILE B 102 -8.91 -4.72 -15.65
N MSE B 103 -9.13 -5.97 -15.28
CA MSE B 103 -10.32 -6.69 -15.70
C MSE B 103 -11.24 -6.84 -14.49
O MSE B 103 -10.88 -7.48 -13.51
CB MSE B 103 -9.97 -8.05 -16.31
CG MSE B 103 -9.51 -7.96 -17.77
SE MSE B 103 -10.99 -7.73 -19.02
CE MSE B 103 -9.96 -7.46 -20.66
N GLU B 104 -12.42 -6.22 -14.56
CA GLU B 104 -13.41 -6.39 -13.51
C GLU B 104 -14.74 -6.79 -14.14
N ASN B 105 -15.35 -7.83 -13.56
CA ASN B 105 -16.50 -8.53 -14.15
C ASN B 105 -17.43 -7.69 -15.03
N GLY B 106 -17.33 -7.94 -16.33
CA GLY B 106 -16.31 -8.84 -16.85
C GLY B 106 -15.54 -8.25 -18.02
N THR B 107 -15.27 -6.95 -17.96
CA THR B 107 -14.59 -6.25 -19.05
C THR B 107 -13.41 -5.39 -18.57
N GLU B 108 -12.61 -4.93 -19.54
CA GLU B 108 -11.47 -4.04 -19.30
C GLU B 108 -11.91 -2.70 -18.69
N ARG B 109 -11.09 -2.21 -17.76
CA ARG B 109 -11.24 -0.86 -17.21
C ARG B 109 -9.85 -0.27 -17.05
N THR B 110 -9.70 0.98 -17.45
CA THR B 110 -8.43 1.65 -17.30
C THR B 110 -8.44 2.57 -16.07
N LEU B 111 -7.66 2.21 -15.05
CA LEU B 111 -7.50 3.04 -13.85
C LEU B 111 -6.48 4.14 -14.13
N ARG B 112 -6.87 5.41 -13.96
CA ARG B 112 -6.01 6.51 -14.37
C ARG B 112 -5.60 7.42 -13.23
N THR B 113 -6.46 7.48 -12.22
CA THR B 113 -6.25 8.37 -11.09
C THR B 113 -6.20 7.57 -9.80
N VAL B 114 -5.68 8.22 -8.76
CA VAL B 114 -5.63 7.67 -7.43
C VAL B 114 -7.03 7.27 -6.96
N GLY B 115 -8.01 8.14 -7.22
CA GLY B 115 -9.43 7.86 -6.98
C GLY B 115 -9.94 6.58 -7.63
N ASP B 116 -9.63 6.39 -8.92
CA ASP B 116 -9.95 5.14 -9.62
C ASP B 116 -9.33 3.95 -8.88
N LYS B 117 -8.10 4.16 -8.41
CA LYS B 117 -7.33 3.10 -7.76
C LYS B 117 -8.08 2.66 -6.50
N TRP B 118 -8.49 3.64 -5.67
CA TRP B 118 -9.19 3.35 -4.43
C TRP B 118 -10.62 2.84 -4.59
N SER B 119 -11.35 3.33 -5.61
CA SER B 119 -12.69 2.77 -5.90
C SER B 119 -12.57 1.27 -6.21
N TYR B 120 -11.56 0.94 -7.01
CA TYR B 120 -11.31 -0.42 -7.46
C TYR B 120 -10.94 -1.31 -6.28
N LEU B 121 -10.01 -0.84 -5.46
CA LEU B 121 -9.55 -1.69 -4.35
C LEU B 121 -10.60 -1.87 -3.25
N GLN B 122 -11.44 -0.84 -3.03
CA GLN B 122 -12.59 -0.99 -2.09
C GLN B 122 -13.47 -2.17 -2.54
N ARG B 123 -13.79 -2.21 -3.84
CA ARG B 123 -14.62 -3.29 -4.40
C ARG B 123 -13.94 -4.65 -4.30
N VAL B 124 -12.71 -4.77 -4.79
CA VAL B 124 -12.10 -6.11 -4.82
C VAL B 124 -11.63 -6.60 -3.48
N LYS B 125 -11.31 -5.71 -2.54
CA LYS B 125 -10.84 -6.16 -1.22
C LYS B 125 -11.89 -6.22 -0.13
N PHE B 126 -12.88 -5.31 -0.19
CA PHE B 126 -13.93 -5.25 0.84
C PHE B 126 -15.37 -5.49 0.33
N GLY B 127 -15.53 -5.76 -0.95
CA GLY B 127 -16.85 -6.08 -1.51
C GLY B 127 -17.85 -4.94 -1.40
N ALA B 128 -17.35 -3.71 -1.39
CA ALA B 128 -18.21 -2.53 -1.21
C ALA B 128 -17.78 -1.42 -2.14
N ASN B 129 -18.77 -0.65 -2.59
CA ASN B 129 -18.48 0.48 -3.44
C ASN B 129 -19.14 1.75 -2.90
N ALA B 130 -19.54 1.72 -1.63
CA ALA B 130 -20.23 2.82 -1.00
C ALA B 130 -19.29 3.76 -0.23
N GLN B 131 -19.70 5.01 -0.09
CA GLN B 131 -19.03 5.95 0.82
C GLN B 131 -20.14 6.67 1.57
N PRO B 132 -19.96 6.94 2.88
CA PRO B 132 -18.84 6.60 3.75
C PRO B 132 -18.71 5.09 3.93
N PHE B 133 -17.49 4.61 4.12
CA PHE B 133 -17.25 3.18 4.43
C PHE B 133 -15.98 3.14 5.28
N TYR B 134 -16.12 2.68 6.52
CA TYR B 134 -15.02 2.63 7.49
C TYR B 134 -14.64 1.21 7.76
N VAL B 135 -13.34 0.92 7.71
CA VAL B 135 -12.81 -0.43 7.98
C VAL B 135 -11.66 -0.30 8.97
N LEU B 136 -11.71 -1.08 10.05
CA LEU B 136 -10.67 -1.09 11.08
C LEU B 136 -9.78 -2.27 10.78
N ILE B 137 -8.47 -2.04 10.68
CA ILE B 137 -7.57 -3.13 10.35
C ILE B 137 -6.31 -3.10 11.22
N ASP B 138 -5.69 -4.28 11.36
CA ASP B 138 -4.45 -4.35 12.10
C ASP B 138 -3.29 -4.11 11.13
N ASN B 139 -2.07 -4.30 11.61
CA ASN B 139 -0.91 -3.98 10.78
C ASN B 139 -0.60 -4.99 9.66
N GLU B 140 -1.39 -6.06 9.56
CA GLU B 140 -1.23 -7.00 8.46
CA GLU B 140 -1.25 -7.04 8.48
C GLU B 140 -2.44 -6.93 7.53
N GLY B 141 -3.29 -5.93 7.74
CA GLY B 141 -4.53 -5.76 7.00
C GLY B 141 -5.73 -6.65 7.42
N ASN B 142 -5.64 -7.34 8.55
CA ASN B 142 -6.77 -8.17 9.02
C ASN B 142 -7.84 -7.25 9.61
N PRO B 143 -9.10 -7.41 9.18
CA PRO B 143 -10.18 -6.60 9.75
C PRO B 143 -10.33 -6.83 11.28
N LEU B 144 -10.63 -5.75 12.01
CA LEU B 144 -10.73 -5.81 13.47
C LEU B 144 -12.17 -5.72 13.95
N ASN B 145 -13.09 -5.55 13.01
CA ASN B 145 -14.52 -5.47 13.25
C ASN B 145 -15.20 -5.63 11.89
N LYS B 146 -16.51 -5.85 11.83
CA LYS B 146 -17.21 -5.63 10.57
C LYS B 146 -17.15 -4.14 10.17
N SER B 147 -17.35 -3.86 8.89
N SER B 147 -17.35 -3.85 8.90
CA SER B 147 -17.33 -2.49 8.36
CA SER B 147 -17.27 -2.46 8.45
C SER B 147 -18.49 -1.65 8.91
C SER B 147 -18.50 -1.64 8.85
N TYR B 148 -18.34 -0.32 8.86
CA TYR B 148 -19.40 0.59 9.28
C TYR B 148 -19.68 1.52 8.09
N ALA B 149 -20.95 1.77 7.81
CA ALA B 149 -21.25 2.64 6.69
C ALA B 149 -21.93 3.94 7.18
N TYR B 150 -23.00 4.37 6.55
CA TYR B 150 -23.64 5.61 6.99
C TYR B 150 -24.68 5.32 8.09
N ASP B 151 -24.44 5.86 9.28
CA ASP B 151 -25.31 5.68 10.43
C ASP B 151 -24.89 6.71 11.48
N GLU B 152 -25.76 7.68 11.75
CA GLU B 152 -25.41 8.81 12.62
C GLU B 152 -25.56 8.51 14.12
N ASP B 153 -25.60 7.24 14.49
CA ASP B 153 -25.67 6.84 15.87
C ASP B 153 -24.30 6.93 16.59
N ILE B 154 -24.09 7.98 17.37
CA ILE B 154 -22.81 8.19 18.07
C ILE B 154 -22.36 7.01 18.99
N SER B 155 -23.28 6.49 19.79
CA SER B 155 -22.85 5.42 20.67
C SER B 155 -22.56 4.13 19.89
N LYS B 156 -23.27 3.90 18.78
CA LYS B 156 -23.01 2.72 17.98
C LYS B 156 -21.62 2.83 17.34
N TYR B 157 -21.26 4.03 16.87
CA TYR B 157 -19.94 4.28 16.30
C TYR B 157 -18.82 4.10 17.34
N ILE B 158 -19.07 4.53 18.58
CA ILE B 158 -18.08 4.39 19.64
C ILE B 158 -17.80 2.92 19.95
N ASN B 159 -18.88 2.15 20.06
CA ASN B 159 -18.80 0.72 20.18
CA ASN B 159 -18.78 0.71 20.20
C ASN B 159 -17.99 0.09 19.04
N PHE B 160 -18.20 0.58 17.82
CA PHE B 160 -17.49 0.08 16.64
C PHE B 160 -15.96 0.32 16.78
N LEU B 161 -15.57 1.55 17.18
CA LEU B 161 -14.16 1.90 17.43
C LEU B 161 -13.53 1.13 18.61
N GLN B 162 -14.26 1.01 19.71
CA GLN B 162 -13.68 0.43 20.92
C GLN B 162 -13.53 -1.08 20.75
N THR B 163 -14.49 -1.70 20.09
CA THR B 163 -14.41 -3.10 19.75
C THR B 163 -13.19 -3.41 18.86
N GLY B 164 -12.97 -2.62 17.81
CA GLY B 164 -11.78 -2.79 16.99
C GLY B 164 -10.48 -2.67 17.78
N LEU B 165 -10.49 -1.74 18.72
CA LEU B 165 -9.33 -1.43 19.51
C LEU B 165 -9.00 -2.63 20.39
N GLU B 166 -10.02 -3.15 21.08
CA GLU B 166 -9.83 -4.33 21.91
CA GLU B 166 -9.93 -4.36 21.90
C GLU B 166 -9.43 -5.57 21.09
N ASN B 167 -10.04 -5.79 19.93
CA ASN B 167 -9.54 -6.89 19.06
C ASN B 167 -8.06 -6.74 18.66
N TYR B 168 -7.64 -5.48 18.42
CA TYR B 168 -6.25 -5.21 18.15
C TYR B 168 -5.35 -5.56 19.33
N ARG B 169 -5.71 -5.08 20.51
CA ARG B 169 -4.95 -5.33 21.73
C ARG B 169 -4.85 -6.83 22.07
N LYS B 170 -5.90 -7.58 21.80
CA LYS B 170 -5.92 -9.02 22.04
C LYS B 170 -4.95 -9.81 21.12
N GLU B 171 -4.41 -9.15 20.10
CA GLU B 171 -3.38 -9.76 19.26
C GLU B 171 -2.01 -9.80 19.94
N LYS B 172 -1.81 -8.95 20.93
CA LYS B 172 -0.54 -8.82 21.65
C LYS B 172 -0.59 -9.46 23.03
N NO3 C . 5.01 -13.79 -22.26
O1 NO3 C . 5.43 -12.82 -23.21
O2 NO3 C . 3.72 -13.69 -21.71
O3 NO3 C . 5.90 -14.83 -21.91
N NO3 D . 1.51 5.17 -8.61
O1 NO3 D . 1.92 4.64 -7.37
O2 NO3 D . 1.93 6.47 -8.96
O3 NO3 D . 0.70 4.44 -9.48
C1 EDO E . -0.29 6.41 -5.38
O1 EDO E . -1.37 6.01 -4.50
C2 EDO E . 1.02 6.62 -4.62
O2 EDO E . 1.96 5.57 -4.94
N NO3 F . 23.88 -9.43 -4.49
O1 NO3 F . 24.23 -10.77 -4.70
O2 NO3 F . 24.10 -8.49 -5.48
O3 NO3 F . 23.30 -9.00 -3.29
C1 EDO G . 5.31 7.57 7.50
O1 EDO G . 5.27 6.23 7.02
C2 EDO G . 6.13 7.57 8.79
O2 EDO G . 6.71 6.28 8.96
N NO3 H . -0.80 9.55 -2.41
O1 NO3 H . 0.20 10.02 -1.56
O2 NO3 H . -1.09 10.20 -3.63
O3 NO3 H . -1.52 8.41 -2.05
N NO3 I . -4.00 15.30 19.49
O1 NO3 I . -4.80 14.65 20.44
O2 NO3 I . -2.60 15.10 19.48
O3 NO3 I . -4.59 16.16 18.55
#